data_8HKB
#
_entry.id   8HKB
#
_cell.length_a   40.054
_cell.length_b   59.302
_cell.length_c   54.298
_cell.angle_alpha   90.00
_cell.angle_beta   104.27
_cell.angle_gamma   90.00
#
_symmetry.space_group_name_H-M   'P 1 21 1'
#
loop_
_entity.id
_entity.type
_entity.pdbx_description
1 polymer 'Periplasmic terephthalate binding protein (TBP)'
2 non-polymer 'terephthalic acid'
3 water water
#
_entity_poly.entity_id   1
_entity_poly.type   'polypeptide(L)'
_entity_poly.pdbx_seq_one_letter_code
;MTPQALKIIVPYPAGGTADILPRVVAEKLRAQFPAGVLIDNRTGAGGNIGAEAVFRAEPDGNTLLASPPGPIAINHHLYR
KMAFDPSKWEPVTVLATVPNVLVVNPRLPVKNVQEFIAYAKANPGKVTYGSQGNGTTSHLTASLFMQLTGTEMVHVPYDG
TAPALVDLVGGQIDVFFDNISSSLPFHQAGKLRILGVADEQRSAALPEVPTFAEQGLPSMNAVTWFAVVAPPGTPAAKVA
ALQKSFAGALTQPEVQQKFAEQGAEPRGWDPARTGQFIRAESAKWDRVIRSANVRLDLEHHHHHH
;
_entity_poly.pdbx_strand_id   A
#
loop_
_chem_comp.id
_chem_comp.type
_chem_comp.name
_chem_comp.formula
UB7 non-polymer 'terephthalic acid' 'C8 H6 O4'
#
# COMPACT_ATOMS: atom_id res chain seq x y z
N THR A 2 23.30 -6.15 -25.10
CA THR A 2 22.18 -6.76 -25.87
C THR A 2 20.94 -6.79 -24.97
N PRO A 3 19.72 -6.74 -25.58
CA PRO A 3 18.52 -6.32 -24.85
C PRO A 3 18.03 -7.25 -23.74
N GLN A 4 17.62 -6.59 -22.63
CA GLN A 4 17.17 -7.27 -21.44
C GLN A 4 15.74 -6.80 -21.16
N ALA A 5 14.91 -7.73 -20.69
CA ALA A 5 13.59 -7.39 -20.22
C ALA A 5 13.73 -6.52 -18.97
N LEU A 6 12.82 -5.54 -18.84
CA LEU A 6 12.72 -4.81 -17.57
C LEU A 6 12.07 -5.74 -16.55
N LYS A 7 12.72 -5.93 -15.40
CA LYS A 7 12.22 -6.82 -14.37
C LYS A 7 11.70 -5.95 -13.23
N ILE A 8 10.42 -6.06 -12.89
CA ILE A 8 9.84 -5.30 -11.79
C ILE A 8 9.40 -6.29 -10.72
N ILE A 9 10.03 -6.22 -9.56
CA ILE A 9 9.60 -7.05 -8.45
C ILE A 9 8.53 -6.27 -7.69
N VAL A 10 7.43 -6.96 -7.43
CA VAL A 10 6.35 -6.50 -6.57
C VAL A 10 6.37 -7.38 -5.33
N PRO A 11 6.69 -6.84 -4.13
CA PRO A 11 6.98 -7.69 -2.98
C PRO A 11 5.74 -8.10 -2.18
N TYR A 12 4.65 -8.33 -2.88
CA TYR A 12 3.37 -8.72 -2.32
C TYR A 12 2.69 -9.67 -3.30
N PRO A 13 1.81 -10.57 -2.77
CA PRO A 13 1.12 -11.49 -3.64
C PRO A 13 0.24 -10.80 -4.65
N ALA A 14 0.07 -11.47 -5.81
CA ALA A 14 -0.84 -11.03 -6.80
C ALA A 14 -2.26 -10.92 -6.28
N GLY A 15 -3.00 -9.97 -6.88
CA GLY A 15 -4.39 -9.84 -6.49
C GLY A 15 -4.68 -8.46 -5.93
N GLY A 16 -3.73 -7.92 -5.15
CA GLY A 16 -3.95 -6.62 -4.51
C GLY A 16 -3.51 -5.48 -5.39
N THR A 17 -3.56 -4.26 -4.84
CA THR A 17 -3.26 -3.07 -5.60
C THR A 17 -1.76 -2.99 -5.92
N ALA A 18 -0.90 -3.45 -4.99
CA ALA A 18 0.54 -3.43 -5.26
C ALA A 18 0.89 -4.16 -6.57
N ASP A 19 0.21 -5.28 -6.82
CA ASP A 19 0.41 -6.08 -8.03
C ASP A 19 -0.30 -5.46 -9.23
N ILE A 20 -1.56 -5.08 -9.06
CA ILE A 20 -2.34 -4.68 -10.27
C ILE A 20 -1.85 -3.40 -10.93
N LEU A 21 -1.46 -2.39 -10.15
CA LEU A 21 -1.13 -1.10 -10.76
C LEU A 21 0.10 -1.25 -11.65
N PRO A 22 1.23 -1.85 -11.20
CA PRO A 22 2.38 -2.04 -12.08
C PRO A 22 2.05 -2.94 -13.29
N ARG A 23 1.18 -3.94 -13.11
CA ARG A 23 0.80 -4.81 -14.23
C ARG A 23 0.07 -3.99 -15.27
N VAL A 24 -0.85 -3.13 -14.85
CA VAL A 24 -1.59 -2.28 -15.78
C VAL A 24 -0.60 -1.38 -16.55
N VAL A 25 0.34 -0.73 -15.87
CA VAL A 25 1.34 0.10 -16.47
C VAL A 25 2.21 -0.68 -17.45
N ALA A 26 2.62 -1.88 -17.05
CA ALA A 26 3.56 -2.69 -17.83
C ALA A 26 2.99 -2.95 -19.23
N GLU A 27 1.64 -3.08 -19.36
CA GLU A 27 1.02 -3.35 -20.65
C GLU A 27 1.36 -2.26 -21.68
N LYS A 28 1.64 -1.02 -21.25
CA LYS A 28 1.95 0.11 -22.14
C LYS A 28 3.43 0.48 -22.14
N LEU A 29 4.25 -0.18 -21.32
CA LEU A 29 5.70 0.00 -21.38
C LEU A 29 6.36 -0.93 -22.38
N ARG A 30 5.72 -2.06 -22.67
CA ARG A 30 6.27 -3.05 -23.60
C ARG A 30 6.81 -2.31 -24.82
N ALA A 31 6.16 -1.20 -25.16
CA ALA A 31 6.60 -0.34 -26.25
C ALA A 31 8.07 0.07 -26.16
N GLN A 32 8.54 0.55 -24.99
CA GLN A 32 9.93 0.99 -24.87
C GLN A 32 10.88 -0.13 -24.44
N PHE A 33 10.33 -1.34 -24.22
CA PHE A 33 11.08 -2.50 -23.75
C PHE A 33 10.72 -3.70 -24.61
N PRO A 34 11.30 -3.83 -25.82
CA PRO A 34 10.86 -4.89 -26.73
C PRO A 34 11.10 -6.31 -26.18
N ALA A 35 12.10 -6.47 -25.29
CA ALA A 35 12.38 -7.75 -24.67
C ALA A 35 11.34 -8.11 -23.60
N GLY A 36 10.49 -7.15 -23.19
CA GLY A 36 9.40 -7.41 -22.28
C GLY A 36 9.54 -6.58 -20.99
N VAL A 37 8.42 -6.46 -20.29
CA VAL A 37 8.35 -5.93 -18.95
C VAL A 37 7.72 -7.02 -18.10
N LEU A 38 8.53 -7.51 -17.16
CA LEU A 38 8.16 -8.71 -16.44
C LEU A 38 7.85 -8.34 -15.00
N ILE A 39 6.71 -8.73 -14.52
CA ILE A 39 6.37 -8.55 -13.12
C ILE A 39 6.66 -9.84 -12.37
N ASP A 40 7.35 -9.71 -11.24
CA ASP A 40 7.81 -10.87 -10.48
C ASP A 40 7.35 -10.64 -9.04
N ASN A 41 6.39 -11.41 -8.58
CA ASN A 41 5.88 -11.29 -7.22
C ASN A 41 6.77 -12.04 -6.27
N ARG A 42 7.20 -11.39 -5.18
CA ARG A 42 8.17 -11.96 -4.24
C ARG A 42 7.65 -11.64 -2.87
N THR A 43 6.95 -12.58 -2.21
CA THR A 43 6.22 -12.36 -0.97
C THR A 43 7.03 -12.66 0.29
N GLY A 44 6.62 -12.03 1.41
CA GLY A 44 7.12 -12.33 2.75
C GLY A 44 7.75 -11.14 3.47
N ALA A 45 7.76 -11.25 4.79
CA ALA A 45 8.31 -10.24 5.70
C ALA A 45 7.74 -8.83 5.39
N GLY A 46 6.44 -8.78 5.07
CA GLY A 46 5.73 -7.51 4.89
C GLY A 46 6.28 -6.69 3.72
N GLY A 47 6.96 -7.36 2.80
CA GLY A 47 7.52 -6.73 1.64
C GLY A 47 9.02 -6.76 1.56
N ASN A 48 9.65 -7.18 2.68
CA ASN A 48 11.09 -7.03 2.76
C ASN A 48 11.88 -8.12 2.00
N ILE A 49 11.26 -9.29 1.77
CA ILE A 49 11.98 -10.29 0.97
C ILE A 49 12.21 -9.81 -0.46
N GLY A 50 11.14 -9.31 -1.09
CA GLY A 50 11.23 -8.80 -2.44
C GLY A 50 12.07 -7.54 -2.52
N ALA A 51 11.96 -6.68 -1.51
CA ALA A 51 12.81 -5.50 -1.45
C ALA A 51 14.30 -5.84 -1.40
N GLU A 52 14.68 -6.78 -0.54
CA GLU A 52 16.06 -7.21 -0.45
C GLU A 52 16.58 -7.67 -1.81
N ALA A 53 15.74 -8.39 -2.56
CA ALA A 53 16.17 -8.92 -3.84
C ALA A 53 16.51 -7.81 -4.83
N VAL A 54 15.70 -6.73 -4.84
CA VAL A 54 16.03 -5.58 -5.69
C VAL A 54 17.22 -4.84 -5.13
N PHE A 55 17.32 -4.63 -3.82
CA PHE A 55 18.40 -3.84 -3.25
C PHE A 55 19.78 -4.37 -3.67
N ARG A 56 19.92 -5.71 -3.76
CA ARG A 56 21.18 -6.34 -4.14
C ARG A 56 21.36 -6.48 -5.65
N ALA A 57 20.34 -6.17 -6.45
CA ALA A 57 20.42 -6.36 -7.90
C ALA A 57 21.40 -5.37 -8.52
N GLU A 58 21.92 -5.72 -9.69
CA GLU A 58 22.83 -4.82 -10.37
C GLU A 58 22.18 -3.46 -10.57
N PRO A 59 22.88 -2.37 -10.26
CA PRO A 59 22.32 -1.02 -10.35
C PRO A 59 22.38 -0.48 -11.78
N ASP A 60 21.81 -1.21 -12.72
CA ASP A 60 21.78 -0.82 -14.14
C ASP A 60 20.39 -0.31 -14.58
N GLY A 61 19.42 -0.33 -13.66
CA GLY A 61 18.07 0.07 -13.97
C GLY A 61 17.25 -0.95 -14.72
N ASN A 62 17.76 -2.18 -14.84
CA ASN A 62 16.98 -3.23 -15.44
C ASN A 62 16.18 -4.03 -14.41
N THR A 63 16.43 -3.84 -13.11
CA THR A 63 15.70 -4.52 -12.06
C THR A 63 15.22 -3.41 -11.12
N LEU A 64 13.90 -3.34 -10.93
CA LEU A 64 13.28 -2.30 -10.12
C LEU A 64 12.35 -2.93 -9.11
N LEU A 65 12.07 -2.17 -8.03
CA LEU A 65 11.04 -2.55 -7.07
C LEU A 65 9.84 -1.62 -7.27
N ALA A 66 8.66 -2.16 -7.46
CA ALA A 66 7.44 -1.39 -7.45
C ALA A 66 6.68 -1.80 -6.20
N SER A 67 6.60 -0.88 -5.24
CA SER A 67 6.08 -1.23 -3.92
C SER A 67 5.28 -0.11 -3.29
N PRO A 68 4.31 -0.48 -2.44
CA PRO A 68 3.77 0.42 -1.44
C PRO A 68 4.78 0.76 -0.36
N PRO A 69 4.43 1.58 0.62
CA PRO A 69 5.46 2.25 1.43
C PRO A 69 6.29 1.43 2.38
N GLY A 70 5.89 0.26 2.80
CA GLY A 70 6.58 -0.44 3.85
C GLY A 70 8.08 -0.52 3.66
N PRO A 71 8.56 -1.15 2.58
CA PRO A 71 10.00 -1.33 2.41
C PRO A 71 10.71 -0.14 1.79
N ILE A 72 10.03 1.00 1.72
CA ILE A 72 10.58 2.20 1.10
C ILE A 72 10.67 3.29 2.16
N ALA A 73 9.61 3.55 2.91
CA ALA A 73 9.53 4.68 3.81
C ALA A 73 9.28 4.30 5.27
N ILE A 74 8.74 3.07 5.57
CA ILE A 74 8.14 2.82 6.89
C ILE A 74 8.92 1.80 7.73
N ASN A 75 9.18 0.59 7.19
CA ASN A 75 9.80 -0.55 7.90
C ASN A 75 11.01 -0.24 8.72
N HIS A 76 11.85 0.63 8.23
CA HIS A 76 13.13 0.92 8.88
C HIS A 76 12.92 1.58 10.25
N HIS A 77 11.71 2.02 10.52
CA HIS A 77 11.42 2.56 11.83
C HIS A 77 11.04 1.48 12.84
N LEU A 78 10.76 0.27 12.39
CA LEU A 78 10.30 -0.82 13.25
C LEU A 78 11.37 -1.89 13.40
N TYR A 79 12.24 -2.05 12.42
CA TYR A 79 13.31 -3.04 12.53
C TYR A 79 14.61 -2.37 12.89
N ARG A 80 15.26 -2.86 13.97
CA ARG A 80 16.51 -2.27 14.44
C ARG A 80 17.63 -2.69 13.49
N LYS A 81 17.51 -3.92 12.98
CA LYS A 81 18.44 -4.49 12.03
C LYS A 81 17.64 -5.04 10.85
N MET A 82 17.94 -4.47 9.68
CA MET A 82 17.37 -4.89 8.40
C MET A 82 18.51 -5.29 7.49
N ALA A 83 18.18 -6.01 6.43
CA ALA A 83 19.18 -6.48 5.50
C ALA A 83 19.48 -5.47 4.40
N PHE A 84 18.70 -4.37 4.34
CA PHE A 84 18.93 -3.31 3.38
C PHE A 84 18.58 -1.98 4.06
N ASP A 85 19.01 -0.88 3.45
CA ASP A 85 18.83 0.43 4.01
C ASP A 85 17.98 1.25 3.05
N PRO A 86 16.64 1.39 3.28
CA PRO A 86 15.81 2.08 2.31
C PRO A 86 16.20 3.51 2.00
N SER A 87 16.99 4.18 2.87
CA SER A 87 17.50 5.51 2.62
C SER A 87 18.39 5.56 1.39
N LYS A 88 18.88 4.38 0.98
CA LYS A 88 19.78 4.26 -0.17
C LYS A 88 19.10 3.85 -1.46
N TRP A 89 17.78 3.66 -1.44
CA TRP A 89 17.08 3.47 -2.72
C TRP A 89 17.32 4.66 -3.63
N GLU A 90 17.33 4.43 -4.95
CA GLU A 90 17.32 5.52 -5.90
C GLU A 90 15.88 5.70 -6.35
N PRO A 91 15.20 6.80 -6.01
CA PRO A 91 13.80 6.97 -6.38
C PRO A 91 13.64 7.12 -7.87
N VAL A 92 12.63 6.47 -8.46
CA VAL A 92 12.26 6.64 -9.85
C VAL A 92 11.00 7.49 -9.97
N THR A 93 9.87 7.02 -9.44
CA THR A 93 8.60 7.73 -9.59
C THR A 93 7.60 7.20 -8.57
N VAL A 94 6.44 7.86 -8.47
CA VAL A 94 5.25 7.35 -7.79
C VAL A 94 4.22 7.03 -8.86
N LEU A 95 3.76 5.81 -8.95
CA LEU A 95 2.74 5.45 -9.92
C LEU A 95 1.40 6.08 -9.55
N ALA A 96 1.03 5.95 -8.28
CA ALA A 96 -0.29 6.43 -7.84
C ALA A 96 -0.29 6.68 -6.34
N THR A 97 -1.23 7.53 -5.89
CA THR A 97 -1.69 7.57 -4.51
C THR A 97 -3.08 6.97 -4.46
N VAL A 98 -3.43 6.35 -3.33
CA VAL A 98 -4.71 5.70 -3.14
C VAL A 98 -5.09 5.85 -1.68
N PRO A 99 -6.27 6.38 -1.31
CA PRO A 99 -6.62 6.46 0.13
C PRO A 99 -6.85 5.07 0.73
N ASN A 100 -6.51 4.92 1.99
CA ASN A 100 -6.92 3.80 2.79
C ASN A 100 -8.34 4.01 3.29
N VAL A 101 -8.91 2.89 3.71
CA VAL A 101 -10.30 2.79 4.21
C VAL A 101 -10.33 1.92 5.46
N LEU A 102 -11.46 1.93 6.18
CA LEU A 102 -11.81 0.83 7.07
C LEU A 102 -12.83 -0.05 6.37
N VAL A 103 -12.51 -1.33 6.20
CA VAL A 103 -13.42 -2.26 5.55
C VAL A 103 -13.65 -3.41 6.53
N VAL A 104 -14.91 -3.87 6.61
CA VAL A 104 -15.29 -4.88 7.60
C VAL A 104 -16.09 -5.98 6.91
N ASN A 105 -16.05 -7.15 7.58
CA ASN A 105 -16.90 -8.26 7.18
C ASN A 105 -18.37 -7.84 7.32
N PRO A 106 -19.26 -8.13 6.35
CA PRO A 106 -20.63 -7.65 6.43
C PRO A 106 -21.51 -8.06 7.62
N ARG A 107 -21.12 -9.18 8.22
CA ARG A 107 -21.87 -9.68 9.37
C ARG A 107 -21.55 -8.93 10.65
N LEU A 108 -20.52 -8.08 10.64
CA LEU A 108 -20.32 -7.22 11.79
C LEU A 108 -21.47 -6.25 11.85
N PRO A 109 -22.10 -6.07 13.03
CA PRO A 109 -23.31 -5.27 13.15
C PRO A 109 -23.08 -3.77 13.23
N VAL A 110 -22.38 -3.23 12.22
CA VAL A 110 -21.92 -1.85 12.24
C VAL A 110 -22.11 -1.27 10.86
N LYS A 111 -22.60 -0.03 10.82
CA LYS A 111 -22.86 0.59 9.52
C LYS A 111 -22.06 1.86 9.28
N ASN A 112 -21.29 2.33 10.28
CA ASN A 112 -20.46 3.51 10.13
C ASN A 112 -19.33 3.42 11.14
N VAL A 113 -18.41 4.39 11.10
CA VAL A 113 -17.26 4.39 11.98
C VAL A 113 -17.65 4.51 13.45
N GLN A 114 -18.57 5.39 13.79
CA GLN A 114 -18.94 5.49 15.21
C GLN A 114 -19.54 4.20 15.77
N GLU A 115 -20.36 3.51 15.01
CA GLU A 115 -20.91 2.24 15.48
C GLU A 115 -19.80 1.20 15.66
N PHE A 116 -18.77 1.22 14.75
CA PHE A 116 -17.62 0.35 14.91
C PHE A 116 -16.80 0.71 16.15
N ILE A 117 -16.58 1.98 16.47
CA ILE A 117 -15.86 2.35 17.67
C ILE A 117 -16.56 1.74 18.87
N ALA A 118 -17.88 1.91 18.95
CA ALA A 118 -18.64 1.38 20.08
C ALA A 118 -18.54 -0.13 20.14
N TYR A 119 -18.62 -0.83 19.00
CA TYR A 119 -18.53 -2.26 18.96
C TYR A 119 -17.16 -2.76 19.44
N ALA A 120 -16.07 -2.05 19.07
CA ALA A 120 -14.73 -2.45 19.52
C ALA A 120 -14.60 -2.17 21.03
N LYS A 121 -15.20 -1.09 21.52
CA LYS A 121 -15.19 -0.80 22.97
C LYS A 121 -16.03 -1.83 23.72
N ALA A 122 -17.10 -2.34 23.12
CA ALA A 122 -17.95 -3.35 23.76
C ALA A 122 -17.24 -4.69 23.84
N ASN A 123 -16.21 -4.91 22.99
CA ASN A 123 -15.51 -6.18 22.84
C ASN A 123 -13.99 -5.89 22.88
N PRO A 124 -13.46 -5.35 23.99
CA PRO A 124 -12.09 -4.84 24.05
C PRO A 124 -11.12 -6.00 23.94
N GLY A 125 -10.11 -5.85 23.06
CA GLY A 125 -9.13 -6.91 22.82
C GLY A 125 -9.62 -8.12 22.06
N LYS A 126 -10.80 -8.08 21.42
CA LYS A 126 -11.36 -9.22 20.74
C LYS A 126 -11.48 -9.04 19.23
N VAL A 127 -11.68 -7.78 18.76
CA VAL A 127 -11.86 -7.56 17.33
C VAL A 127 -10.49 -7.69 16.67
N THR A 128 -10.42 -8.41 15.58
CA THR A 128 -9.19 -8.62 14.83
C THR A 128 -9.14 -7.69 13.63
N TYR A 129 -7.97 -7.08 13.44
CA TYR A 129 -7.67 -6.40 12.19
C TYR A 129 -6.62 -7.17 11.44
N GLY A 130 -6.92 -7.52 10.19
CA GLY A 130 -5.88 -7.97 9.29
C GLY A 130 -4.90 -6.84 8.95
N SER A 131 -3.73 -7.20 8.47
CA SER A 131 -2.86 -6.25 7.79
C SER A 131 -2.18 -6.94 6.62
N GLN A 132 -1.57 -6.11 5.76
CA GLN A 132 -0.76 -6.52 4.64
C GLN A 132 0.64 -6.92 5.09
N GLY A 133 0.97 -6.83 6.40
CA GLY A 133 2.28 -7.16 6.91
C GLY A 133 2.77 -6.09 7.86
N ASN A 134 3.77 -6.44 8.65
CA ASN A 134 4.37 -5.46 9.55
C ASN A 134 4.89 -4.26 8.77
N GLY A 135 4.53 -3.08 9.24
CA GLY A 135 5.05 -1.83 8.68
C GLY A 135 4.35 -1.39 7.41
N THR A 136 3.33 -2.11 6.96
CA THR A 136 2.51 -1.70 5.83
C THR A 136 1.58 -0.61 6.28
N THR A 137 1.04 0.15 5.34
CA THR A 137 0.15 1.24 5.74
C THR A 137 -1.08 0.71 6.45
N SER A 138 -1.59 -0.48 6.07
CA SER A 138 -2.75 -1.00 6.80
C SER A 138 -2.47 -1.25 8.28
N HIS A 139 -1.25 -1.72 8.59
CA HIS A 139 -0.83 -1.93 9.98
C HIS A 139 -0.79 -0.61 10.74
N LEU A 140 -0.14 0.40 10.14
CA LEU A 140 0.00 1.67 10.83
C LEU A 140 -1.31 2.42 10.89
N THR A 141 -2.20 2.25 9.87
CA THR A 141 -3.47 2.94 9.87
C THR A 141 -4.39 2.40 10.98
N ALA A 142 -4.34 1.07 11.17
CA ALA A 142 -5.08 0.47 12.29
C ALA A 142 -4.58 1.00 13.63
N SER A 143 -3.25 1.11 13.75
CA SER A 143 -2.64 1.61 14.98
C SER A 143 -3.09 3.06 15.24
N LEU A 144 -3.05 3.89 14.21
CA LEU A 144 -3.49 5.26 14.34
C LEU A 144 -4.94 5.32 14.80
N PHE A 145 -5.79 4.50 14.17
CA PHE A 145 -7.21 4.49 14.55
C PHE A 145 -7.35 4.17 16.03
N MET A 146 -6.66 3.14 16.49
CA MET A 146 -6.74 2.75 17.91
C MET A 146 -6.25 3.86 18.83
N GLN A 147 -5.17 4.59 18.47
CA GLN A 147 -4.71 5.71 19.29
C GLN A 147 -5.79 6.78 19.36
N LEU A 148 -6.43 7.13 18.24
CA LEU A 148 -7.36 8.25 18.22
C LEU A 148 -8.69 7.89 18.91
N THR A 149 -9.01 6.59 19.05
CA THR A 149 -10.35 6.18 19.50
C THR A 149 -10.29 5.47 20.84
N GLY A 150 -9.12 5.09 21.30
CA GLY A 150 -8.96 4.37 22.55
C GLY A 150 -9.49 2.96 22.46
N THR A 151 -9.47 2.38 21.26
CA THR A 151 -9.89 1.01 21.03
C THR A 151 -8.68 0.08 21.09
N GLU A 152 -8.96 -1.18 21.37
CA GLU A 152 -7.98 -2.23 21.59
C GLU A 152 -8.38 -3.41 20.73
N MET A 153 -7.63 -3.64 19.66
CA MET A 153 -7.87 -4.72 18.71
C MET A 153 -6.61 -5.57 18.53
N VAL A 154 -6.75 -6.71 17.90
CA VAL A 154 -5.73 -7.73 17.75
C VAL A 154 -5.26 -7.74 16.29
N HIS A 155 -3.95 -7.57 16.10
CA HIS A 155 -3.34 -7.58 14.78
C HIS A 155 -3.23 -9.00 14.29
N VAL A 156 -3.70 -9.25 13.06
CA VAL A 156 -3.48 -10.51 12.39
C VAL A 156 -2.72 -10.21 11.10
N PRO A 157 -1.39 -10.28 11.08
CA PRO A 157 -0.64 -9.92 9.88
C PRO A 157 -0.71 -10.97 8.82
N TYR A 158 -1.01 -10.57 7.59
CA TYR A 158 -0.86 -11.40 6.40
C TYR A 158 0.31 -10.88 5.57
N ASP A 159 0.52 -11.46 4.39
CA ASP A 159 1.66 -11.10 3.58
C ASP A 159 1.27 -10.12 2.46
N GLY A 160 -0.01 -9.74 2.43
CA GLY A 160 -0.48 -8.68 1.55
C GLY A 160 -1.99 -8.57 1.60
N THR A 161 -2.54 -7.64 0.84
CA THR A 161 -3.98 -7.48 0.71
C THR A 161 -4.67 -8.79 0.30
N ALA A 162 -4.15 -9.49 -0.69
CA ALA A 162 -4.97 -10.55 -1.29
C ALA A 162 -5.34 -11.61 -0.24
N PRO A 163 -4.40 -12.19 0.52
CA PRO A 163 -4.76 -13.17 1.55
C PRO A 163 -5.64 -12.59 2.68
N ALA A 164 -5.40 -11.31 3.04
CA ALA A 164 -6.18 -10.66 4.07
C ALA A 164 -7.64 -10.58 3.60
N LEU A 165 -7.90 -10.20 2.33
CA LEU A 165 -9.29 -10.10 1.88
C LEU A 165 -10.00 -11.46 1.84
N VAL A 166 -9.25 -12.53 1.54
CA VAL A 166 -9.86 -13.85 1.57
C VAL A 166 -10.44 -14.11 2.96
N ASP A 167 -9.63 -13.85 4.00
CA ASP A 167 -10.07 -14.13 5.35
C ASP A 167 -11.10 -13.10 5.85
N LEU A 168 -11.07 -11.85 5.38
CA LEU A 168 -12.08 -10.89 5.77
C LEU A 168 -13.45 -11.28 5.19
N VAL A 169 -13.47 -11.61 3.91
CA VAL A 169 -14.72 -12.04 3.28
C VAL A 169 -15.27 -13.28 4.00
N GLY A 170 -14.36 -14.21 4.33
CA GLY A 170 -14.66 -15.46 5.04
C GLY A 170 -15.15 -15.26 6.47
N GLY A 171 -14.79 -14.15 7.12
CA GLY A 171 -15.15 -13.86 8.49
C GLY A 171 -14.09 -14.36 9.47
N GLN A 172 -12.93 -14.79 8.96
CA GLN A 172 -11.86 -15.25 9.85
C GLN A 172 -11.17 -14.09 10.57
N ILE A 173 -11.19 -12.89 9.99
CA ILE A 173 -10.88 -11.63 10.66
C ILE A 173 -12.10 -10.71 10.52
N ASP A 174 -12.10 -9.64 11.30
CA ASP A 174 -13.24 -8.74 11.43
C ASP A 174 -13.13 -7.51 10.57
N VAL A 175 -11.93 -6.88 10.57
CA VAL A 175 -11.74 -5.60 9.90
C VAL A 175 -10.35 -5.55 9.27
N PHE A 176 -10.16 -4.53 8.42
CA PHE A 176 -8.91 -4.35 7.67
C PHE A 176 -8.85 -2.92 7.17
N PHE A 177 -7.69 -2.25 7.35
CA PHE A 177 -7.54 -0.91 6.81
C PHE A 177 -6.80 -0.97 5.49
N ASP A 178 -7.45 -1.58 4.49
CA ASP A 178 -6.96 -1.69 3.14
C ASP A 178 -6.98 -0.36 2.41
N ASN A 179 -6.43 -0.32 1.18
CA ASN A 179 -6.69 0.78 0.29
C ASN A 179 -7.99 0.56 -0.50
N ILE A 180 -8.57 1.68 -0.94
CA ILE A 180 -9.86 1.62 -1.60
C ILE A 180 -9.80 0.74 -2.85
N SER A 181 -8.72 0.73 -3.62
CA SER A 181 -8.75 0.12 -4.96
C SER A 181 -9.05 -1.37 -4.83
N SER A 182 -8.40 -2.09 -3.92
CA SER A 182 -8.58 -3.51 -3.82
C SER A 182 -9.91 -3.86 -3.13
N SER A 183 -10.38 -3.06 -2.22
CA SER A 183 -11.60 -3.34 -1.47
C SER A 183 -12.87 -2.93 -2.24
N LEU A 184 -12.74 -2.02 -3.19
CA LEU A 184 -13.91 -1.44 -3.90
C LEU A 184 -14.85 -2.50 -4.50
N PRO A 185 -14.40 -3.47 -5.32
CA PRO A 185 -15.36 -4.36 -5.95
C PRO A 185 -16.12 -5.20 -4.93
N PHE A 186 -15.50 -5.53 -3.82
CA PHE A 186 -16.09 -6.27 -2.72
C PHE A 186 -17.21 -5.46 -2.08
N HIS A 187 -16.99 -4.17 -1.83
CA HIS A 187 -17.97 -3.30 -1.28
C HIS A 187 -19.16 -3.17 -2.25
N GLN A 188 -18.84 -2.96 -3.52
CA GLN A 188 -19.90 -2.77 -4.51
C GLN A 188 -20.85 -3.96 -4.50
N ALA A 189 -20.33 -5.17 -4.28
CA ALA A 189 -21.14 -6.39 -4.34
C ALA A 189 -21.68 -6.83 -2.99
N GLY A 190 -21.43 -6.07 -1.91
CA GLY A 190 -21.91 -6.39 -0.58
C GLY A 190 -21.20 -7.58 0.04
N LYS A 191 -19.99 -7.91 -0.45
CA LYS A 191 -19.17 -8.98 0.12
C LYS A 191 -18.31 -8.44 1.28
N LEU A 192 -18.10 -7.11 1.31
CA LEU A 192 -17.44 -6.38 2.39
C LEU A 192 -18.16 -5.05 2.54
N ARG A 193 -17.92 -4.35 3.62
CA ARG A 193 -18.54 -3.08 3.84
C ARG A 193 -17.47 -2.07 4.24
N ILE A 194 -17.28 -1.05 3.38
CA ILE A 194 -16.36 0.06 3.67
C ILE A 194 -17.10 1.09 4.49
N LEU A 195 -16.53 1.45 5.66
CA LEU A 195 -17.13 2.36 6.61
C LEU A 195 -16.65 3.80 6.50
N GLY A 196 -15.43 4.02 6.00
CA GLY A 196 -14.90 5.36 5.93
C GLY A 196 -13.66 5.39 5.06
N VAL A 197 -13.37 6.58 4.52
CA VAL A 197 -12.21 6.84 3.69
C VAL A 197 -11.25 7.77 4.45
N ALA A 198 -9.99 7.40 4.55
CA ALA A 198 -8.98 8.10 5.37
C ALA A 198 -8.31 9.15 4.50
N ASP A 199 -9.07 10.18 4.12
CA ASP A 199 -8.55 11.26 3.32
C ASP A 199 -9.37 12.51 3.65
N GLU A 200 -8.96 13.65 3.09
CA GLU A 200 -9.57 14.92 3.38
C GLU A 200 -10.80 15.17 2.53
N GLN A 201 -11.02 14.41 1.47
CA GLN A 201 -12.21 14.45 0.64
C GLN A 201 -12.66 13.03 0.34
N ARG A 202 -13.94 12.84 0.00
CA ARG A 202 -14.42 11.56 -0.44
C ARG A 202 -13.74 11.15 -1.75
N SER A 203 -13.73 9.84 -1.99
CA SER A 203 -13.26 9.27 -3.24
C SER A 203 -14.39 9.27 -4.27
N ALA A 204 -14.07 9.66 -5.51
CA ALA A 204 -15.01 9.61 -6.61
C ALA A 204 -15.38 8.16 -6.94
N ALA A 205 -14.56 7.18 -6.51
CA ALA A 205 -14.89 5.79 -6.72
C ALA A 205 -15.96 5.31 -5.75
N LEU A 206 -16.11 6.00 -4.65
CA LEU A 206 -17.09 5.60 -3.61
C LEU A 206 -17.71 6.87 -3.03
N PRO A 207 -18.50 7.61 -3.85
CA PRO A 207 -18.96 8.91 -3.41
C PRO A 207 -19.97 8.88 -2.26
N GLU A 208 -20.51 7.69 -1.95
CA GLU A 208 -21.51 7.56 -0.87
C GLU A 208 -20.89 7.28 0.49
N VAL A 209 -19.57 7.02 0.56
CA VAL A 209 -18.92 6.66 1.82
C VAL A 209 -18.25 7.91 2.37
N PRO A 210 -18.57 8.33 3.61
CA PRO A 210 -17.96 9.53 4.17
C PRO A 210 -16.49 9.33 4.53
N THR A 211 -15.74 10.43 4.57
CA THR A 211 -14.40 10.39 5.13
C THR A 211 -14.49 10.07 6.65
N PHE A 212 -13.34 9.70 7.19
CA PHE A 212 -13.21 9.66 8.65
C PHE A 212 -13.39 11.04 9.30
N ALA A 213 -12.93 12.12 8.63
CA ALA A 213 -13.12 13.46 9.15
C ALA A 213 -14.60 13.77 9.32
N GLU A 214 -15.43 13.35 8.35
CA GLU A 214 -16.87 13.59 8.44
C GLU A 214 -17.50 12.91 9.63
N GLN A 215 -16.90 11.80 10.03
CA GLN A 215 -17.37 10.91 11.08
C GLN A 215 -16.66 11.12 12.42
N GLY A 216 -15.93 12.20 12.55
CA GLY A 216 -15.39 12.63 13.85
C GLY A 216 -13.92 12.34 14.05
N LEU A 217 -13.19 11.80 13.09
CA LEU A 217 -11.76 11.51 13.23
C LEU A 217 -10.94 12.18 12.15
N PRO A 218 -10.79 13.51 12.23
CA PRO A 218 -10.07 14.23 11.18
C PRO A 218 -8.58 13.98 11.07
N SER A 219 -7.97 13.35 12.04
CA SER A 219 -6.56 13.02 11.96
C SER A 219 -6.36 11.73 11.18
N MET A 220 -7.46 11.03 10.82
CA MET A 220 -7.35 9.80 10.02
C MET A 220 -7.12 10.14 8.55
N ASN A 221 -5.93 10.64 8.26
CA ASN A 221 -5.45 10.90 6.91
C ASN A 221 -4.37 9.86 6.61
N ALA A 222 -4.71 8.89 5.74
CA ALA A 222 -3.82 7.76 5.52
C ALA A 222 -3.96 7.39 4.06
N VAL A 223 -3.25 8.09 3.19
CA VAL A 223 -3.22 7.90 1.75
C VAL A 223 -1.95 7.16 1.38
N THR A 224 -2.12 5.91 0.95
CA THR A 224 -0.97 5.10 0.56
C THR A 224 -0.58 5.45 -0.87
N TRP A 225 0.45 4.74 -1.34
CA TRP A 225 1.05 5.09 -2.62
C TRP A 225 1.90 3.93 -3.09
N PHE A 226 2.22 3.94 -4.36
CA PHE A 226 2.87 2.81 -5.05
C PHE A 226 4.01 3.42 -5.85
N ALA A 227 5.23 3.20 -5.39
CA ALA A 227 6.40 3.87 -5.95
C ALA A 227 7.26 2.88 -6.70
N VAL A 228 8.16 3.39 -7.52
CA VAL A 228 9.17 2.58 -8.18
C VAL A 228 10.51 3.10 -7.71
N VAL A 229 11.38 2.20 -7.28
CA VAL A 229 12.72 2.52 -6.85
C VAL A 229 13.71 1.59 -7.53
N ALA A 230 14.93 2.10 -7.65
CA ALA A 230 16.03 1.37 -8.26
C ALA A 230 17.09 1.07 -7.23
N PRO A 231 17.99 0.06 -7.46
CA PRO A 231 19.03 -0.26 -6.51
C PRO A 231 19.95 0.90 -6.23
N PRO A 232 20.61 0.94 -5.07
CA PRO A 232 21.62 1.95 -4.80
C PRO A 232 22.66 2.02 -5.91
N GLY A 233 22.95 3.25 -6.32
CA GLY A 233 23.99 3.50 -7.31
C GLY A 233 23.48 3.52 -8.74
N THR A 234 22.19 3.25 -8.99
CA THR A 234 21.65 3.35 -10.34
C THR A 234 21.86 4.78 -10.84
N PRO A 235 22.44 4.98 -12.03
CA PRO A 235 22.76 6.34 -12.46
C PRO A 235 21.56 7.26 -12.54
N ALA A 236 21.77 8.53 -12.15
CA ALA A 236 20.71 9.53 -12.22
C ALA A 236 20.04 9.62 -13.59
N ALA A 237 20.85 9.59 -14.67
CA ALA A 237 20.29 9.63 -16.02
C ALA A 237 19.44 8.40 -16.35
N LYS A 238 19.78 7.24 -15.76
CA LYS A 238 18.95 6.07 -15.98
C LYS A 238 17.61 6.16 -15.25
N VAL A 239 17.67 6.59 -14.00
CA VAL A 239 16.44 6.76 -13.24
C VAL A 239 15.54 7.81 -13.91
N ALA A 240 16.12 8.88 -14.48
CA ALA A 240 15.40 9.90 -15.22
C ALA A 240 14.70 9.34 -16.44
N ALA A 241 15.42 8.52 -17.26
CA ALA A 241 14.79 7.94 -18.43
C ALA A 241 13.66 6.98 -18.06
N LEU A 242 13.89 6.19 -17.01
CA LEU A 242 12.85 5.27 -16.55
C LEU A 242 11.61 6.06 -16.09
N GLN A 243 11.84 7.13 -15.33
CA GLN A 243 10.70 7.91 -14.87
C GLN A 243 9.89 8.47 -16.04
N LYS A 244 10.60 8.95 -17.07
CA LYS A 244 9.90 9.47 -18.25
C LYS A 244 9.07 8.40 -18.93
N SER A 245 9.61 7.18 -19.02
CA SER A 245 8.83 6.09 -19.58
C SER A 245 7.59 5.73 -18.76
N PHE A 246 7.76 5.62 -17.42
CA PHE A 246 6.60 5.38 -16.55
C PHE A 246 5.57 6.51 -16.67
N ALA A 247 6.05 7.76 -16.66
CA ALA A 247 5.12 8.91 -16.75
C ALA A 247 4.30 8.81 -18.04
N GLY A 248 4.98 8.50 -19.16
CA GLY A 248 4.27 8.35 -20.41
C GLY A 248 3.21 7.25 -20.37
N ALA A 249 3.50 6.09 -19.74
CA ALA A 249 2.57 5.00 -19.68
C ALA A 249 1.34 5.42 -18.85
N LEU A 250 1.59 6.16 -17.77
CA LEU A 250 0.53 6.58 -16.87
C LEU A 250 -0.47 7.52 -17.55
N THR A 251 -0.03 8.23 -18.60
CA THR A 251 -0.92 9.14 -19.32
C THR A 251 -1.69 8.40 -20.43
N GLN A 252 -1.30 7.16 -20.76
CA GLN A 252 -2.01 6.36 -21.75
C GLN A 252 -3.42 6.09 -21.27
N PRO A 253 -4.46 6.35 -22.11
CA PRO A 253 -5.82 6.34 -21.61
C PRO A 253 -6.23 5.00 -20.99
N GLU A 254 -5.76 3.84 -21.48
CA GLU A 254 -6.10 2.56 -20.90
C GLU A 254 -5.63 2.47 -19.44
N VAL A 255 -4.42 3.01 -19.19
CA VAL A 255 -3.83 3.02 -17.84
C VAL A 255 -4.58 4.04 -16.96
N GLN A 256 -4.63 5.31 -17.40
CA GLN A 256 -5.25 6.41 -16.66
C GLN A 256 -6.64 5.97 -16.22
N GLN A 257 -7.37 5.35 -17.15
CA GLN A 257 -8.78 5.05 -16.99
C GLN A 257 -8.94 3.89 -16.00
N LYS A 258 -8.09 2.83 -16.07
CA LYS A 258 -8.15 1.70 -15.16
C LYS A 258 -7.74 2.13 -13.72
N PHE A 259 -6.76 3.01 -13.60
CA PHE A 259 -6.45 3.58 -12.30
C PHE A 259 -7.67 4.32 -11.74
N ALA A 260 -8.20 5.27 -12.52
CA ALA A 260 -9.25 6.16 -12.03
C ALA A 260 -10.50 5.37 -11.68
N GLU A 261 -10.80 4.30 -12.41
CA GLU A 261 -12.00 3.54 -12.12
C GLU A 261 -11.92 2.86 -10.75
N GLN A 262 -10.70 2.58 -10.24
CA GLN A 262 -10.57 1.92 -8.94
C GLN A 262 -10.07 2.92 -7.88
N GLY A 263 -10.21 4.22 -8.14
CA GLY A 263 -9.88 5.23 -7.16
C GLY A 263 -8.40 5.46 -6.94
N ALA A 264 -7.54 5.12 -7.89
CA ALA A 264 -6.12 5.41 -7.81
C ALA A 264 -5.82 6.65 -8.61
N GLU A 265 -5.06 7.57 -8.07
CA GLU A 265 -4.70 8.81 -8.74
C GLU A 265 -3.31 8.64 -9.35
N PRO A 266 -3.19 8.62 -10.69
CA PRO A 266 -1.87 8.55 -11.31
C PRO A 266 -1.07 9.77 -10.99
N ARG A 267 0.25 9.61 -10.73
CA ARG A 267 1.11 10.71 -10.36
C ARG A 267 2.21 10.91 -11.38
N GLY A 268 3.13 9.97 -11.48
CA GLY A 268 4.24 10.11 -12.44
C GLY A 268 5.31 11.11 -12.08
N TRP A 269 5.44 11.42 -10.80
CA TRP A 269 6.37 12.43 -10.32
C TRP A 269 7.83 12.14 -10.72
N ASP A 270 8.63 13.20 -10.86
CA ASP A 270 10.02 13.01 -11.27
C ASP A 270 10.85 12.47 -10.12
N PRO A 271 12.07 11.97 -10.36
CA PRO A 271 12.85 11.32 -9.33
C PRO A 271 13.11 12.16 -8.07
N ALA A 272 13.47 13.43 -8.22
CA ALA A 272 13.79 14.25 -7.06
C ALA A 272 12.53 14.54 -6.25
N ARG A 273 11.40 14.76 -6.93
CA ARG A 273 10.15 15.01 -6.25
C ARG A 273 9.73 13.72 -5.49
N THR A 274 9.94 12.58 -6.13
CA THR A 274 9.66 11.28 -5.52
C THR A 274 10.50 11.09 -4.27
N GLY A 275 11.82 11.38 -4.32
CA GLY A 275 12.68 11.26 -3.15
C GLY A 275 12.23 12.12 -1.99
N GLN A 276 11.86 13.37 -2.32
CA GLN A 276 11.40 14.31 -1.31
C GLN A 276 10.14 13.78 -0.63
N PHE A 277 9.24 13.25 -1.44
CA PHE A 277 7.97 12.72 -0.97
C PHE A 277 8.21 11.49 -0.09
N ILE A 278 9.11 10.59 -0.51
CA ILE A 278 9.44 9.39 0.29
C ILE A 278 9.96 9.81 1.67
N ARG A 279 10.87 10.82 1.69
CA ARG A 279 11.41 11.26 2.99
C ARG A 279 10.31 11.88 3.85
N ALA A 280 9.43 12.71 3.26
CA ALA A 280 8.33 13.29 4.02
C ALA A 280 7.42 12.19 4.61
N GLU A 281 7.11 11.21 3.76
CA GLU A 281 6.27 10.11 4.19
C GLU A 281 6.93 9.29 5.29
N SER A 282 8.24 9.08 5.20
CA SER A 282 8.98 8.41 6.26
C SER A 282 8.84 9.18 7.58
N ALA A 283 8.90 10.53 7.49
CA ALA A 283 8.80 11.32 8.72
C ALA A 283 7.38 11.26 9.26
N LYS A 284 6.38 11.28 8.36
CA LYS A 284 4.99 11.21 8.77
C LYS A 284 4.69 9.93 9.52
N TRP A 285 5.19 8.81 9.01
CA TRP A 285 4.86 7.51 9.63
C TRP A 285 5.69 7.24 10.86
N ASP A 286 6.87 7.84 10.97
CA ASP A 286 7.63 7.77 12.24
C ASP A 286 6.75 8.33 13.37
N ARG A 287 6.14 9.49 13.11
CA ARG A 287 5.34 10.14 14.15
C ARG A 287 4.20 9.23 14.58
N VAL A 288 3.57 8.53 13.62
CA VAL A 288 2.52 7.58 13.96
C VAL A 288 3.06 6.40 14.76
N ILE A 289 4.20 5.83 14.35
CA ILE A 289 4.76 4.70 15.05
C ILE A 289 4.97 5.05 16.53
N ARG A 290 5.55 6.25 16.80
CA ARG A 290 5.81 6.63 18.18
C ARG A 290 4.54 7.01 18.92
N SER A 291 3.65 7.77 18.29
CA SER A 291 2.43 8.18 18.98
C SER A 291 1.50 7.01 19.32
N ALA A 292 1.43 6.03 18.41
CA ALA A 292 0.49 4.94 18.57
C ALA A 292 1.17 3.71 19.13
N ASN A 293 2.46 3.76 19.48
CA ASN A 293 3.19 2.64 20.02
C ASN A 293 3.06 1.41 19.14
N VAL A 294 3.38 1.56 17.87
CA VAL A 294 3.26 0.44 16.93
C VAL A 294 4.31 -0.61 17.22
N ARG A 295 3.84 -1.85 17.21
CA ARG A 295 4.72 -3.00 17.53
C ARG A 295 4.67 -4.01 16.39
N LEU A 296 5.80 -4.67 16.21
CA LEU A 296 5.85 -5.79 15.28
C LEU A 296 5.08 -7.01 15.82
N ASP A 297 4.49 -7.79 14.91
CA ASP A 297 4.01 -9.14 15.18
C ASP A 297 4.74 -10.09 14.24
N LEU A 298 5.71 -10.81 14.78
CA LEU A 298 6.61 -11.67 14.02
C LEU A 298 6.15 -13.12 14.03
N GLU A 299 4.87 -13.36 14.38
CA GLU A 299 4.11 -14.57 14.02
C GLU A 299 3.47 -14.43 12.61
N HIS A 300 3.45 -15.55 11.89
CA HIS A 300 2.90 -15.62 10.53
C HIS A 300 1.43 -16.08 10.48
N HIS A 301 0.68 -15.52 9.48
CA HIS A 301 -0.69 -15.93 9.16
C HIS A 301 -0.88 -16.14 7.66
N HIS A 302 -1.79 -17.08 7.36
CA HIS A 302 -2.13 -17.53 6.01
C HIS A 302 -3.66 -17.51 5.93
N HIS A 303 -4.20 -17.27 4.72
CA HIS A 303 -5.65 -17.14 4.58
C HIS A 303 -6.33 -18.50 4.75
C01 UB7 B . 0.63 -3.12 1.16
C02 UB7 B . 0.30 -4.24 0.41
C03 UB7 B . -0.54 -4.14 -0.68
C04 UB7 B . -1.05 -2.87 -1.00
C05 UB7 B . -0.74 -1.78 -0.22
C06 UB7 B . 0.08 -1.89 0.90
C07 UB7 B . 0.33 -0.72 1.77
C10 UB7 B . -0.90 -5.33 -1.52
O08 UB7 B . 1.28 -0.73 2.61
O09 UB7 B . -0.40 0.32 1.61
O11 UB7 B . -1.41 -5.15 -2.66
O12 UB7 B . -0.72 -6.45 -0.99
#